data_4X6E
#
_entry.id   4X6E
#
_cell.length_a   42.299
_cell.length_b   90.663
_cell.length_c   108.066
_cell.angle_alpha   90.00
_cell.angle_beta   90.00
_cell.angle_gamma   90.00
#
_symmetry.space_group_name_H-M   'P 21 21 21'
#
loop_
_entity.id
_entity.type
_entity.pdbx_description
1 polymer 'T-cell surface glycoprotein CD1a'
2 polymer Beta-2-microglobulin
3 non-polymer D-MALATE
4 non-polymer '(4R,7R,18Z)-4,7-dihydroxy-N,N,N-trimethyl-10-oxo-3,5,9-trioxa-4-phosphaheptacos-18-en-1-aminium 4-oxide'
5 water water
#
loop_
_entity_poly.entity_id
_entity_poly.type
_entity_poly.pdbx_seq_one_letter_code
_entity_poly.pdbx_strand_id
1 'polypeptide(L)'
;LKEPLSFHVIWIASFYNHSWKQNLVSGWLSDLQTHTWDSNSSTIVFLWPWSRGNFSNEEWKELETLFRIRTIRSFEGIRR
YAHELQFEYPFEIQVTGGCELHSGKVSGSFLQLAYQGSDFVSFQNNSWLPYPVAGNMAKHFCKVLNQNQHENDITHNLLS
DTCPRFILGLLDAGKAHLQRQVKPEAWLSHGPSPGPGHLQLVCHVSGFYPKPVWVMWMRGEQEQQGTQRGDILPSADGTW
YLRATLEVAAGEAADLSCRVKHSSLEGQDIVLYWEGSLVPR
;
A
2 'polypeptide(L)'
;IQRTPKIQVYSRHPAENGKSNFLNCYVSGFHPSDIEVDLLKNGERIEKVEHSDLSFSKDWSFYLLYYTEFTPTEKDEYAC
RVNHVTLSQPKIVKWDRDMGSLVPR
;
B
#
# COMPACT_ATOMS: atom_id res chain seq x y z
N PRO A 4 -14.07 5.08 -7.56
CA PRO A 4 -14.40 5.52 -6.20
C PRO A 4 -13.55 6.70 -5.75
N LEU A 5 -14.07 7.91 -5.89
CA LEU A 5 -13.38 9.13 -5.49
C LEU A 5 -13.58 9.43 -4.01
N SER A 6 -12.53 9.26 -3.22
CA SER A 6 -12.65 9.41 -1.77
C SER A 6 -11.37 9.88 -1.10
N PHE A 7 -11.53 10.64 -0.02
CA PHE A 7 -10.43 11.02 0.87
C PHE A 7 -10.64 10.43 2.26
N HIS A 8 -9.57 9.98 2.89
CA HIS A 8 -9.74 9.54 4.27
C HIS A 8 -8.48 9.72 5.12
N VAL A 9 -8.68 9.76 6.42
CA VAL A 9 -7.62 9.88 7.41
C VAL A 9 -7.50 8.55 8.13
N ILE A 10 -6.27 8.12 8.42
CA ILE A 10 -6.10 6.92 9.22
C ILE A 10 -5.28 7.20 10.48
N TRP A 11 -5.58 6.45 11.52
CA TRP A 11 -4.86 6.53 12.77
C TRP A 11 -4.39 5.12 13.13
N ILE A 12 -3.11 4.97 13.37
CA ILE A 12 -2.59 3.72 13.86
C ILE A 12 -1.95 3.98 15.23
N ALA A 13 -2.49 3.34 16.26
CA ALA A 13 -1.92 3.49 17.59
C ALA A 13 -1.62 2.12 18.18
N SER A 14 -0.37 1.94 18.62
CA SER A 14 0.11 0.68 19.19
C SER A 14 0.56 0.82 20.64
N PHE A 15 0.08 -0.05 21.52
CA PHE A 15 0.45 0.02 22.93
C PHE A 15 1.24 -1.21 23.35
N LYS A 21 2.87 4.53 22.95
CA LYS A 21 4.08 4.13 22.23
C LYS A 21 4.10 4.71 20.80
N GLN A 22 3.54 3.98 19.84
CA GLN A 22 3.46 4.45 18.47
C GLN A 22 2.09 5.05 18.12
N ASN A 23 2.12 6.24 17.51
CA ASN A 23 0.93 6.95 17.12
C ASN A 23 1.17 7.58 15.74
N LEU A 24 0.49 7.06 14.72
CA LEU A 24 0.62 7.55 13.35
C LEU A 24 -0.70 8.05 12.80
N VAL A 25 -0.70 9.28 12.27
CA VAL A 25 -1.86 9.87 11.62
C VAL A 25 -1.45 10.31 10.22
N SER A 26 -2.22 9.89 9.22
CA SER A 26 -1.92 10.25 7.84
C SER A 26 -3.19 10.40 7.00
N GLY A 27 -3.09 11.18 5.93
CA GLY A 27 -4.22 11.40 5.05
C GLY A 27 -3.98 10.81 3.68
N TRP A 28 -5.05 10.34 3.04
CA TRP A 28 -4.94 9.56 1.82
C TRP A 28 -5.99 9.92 0.80
N LEU A 29 -5.55 10.00 -0.45
CA LEU A 29 -6.46 9.98 -1.58
C LEU A 29 -6.31 8.59 -2.18
N SER A 30 -7.24 7.70 -1.81
CA SER A 30 -7.14 6.27 -2.12
C SER A 30 -5.74 5.74 -1.82
N ASP A 31 -5.05 5.20 -2.82
CA ASP A 31 -3.69 4.68 -2.63
C ASP A 31 -2.69 5.78 -2.30
N LEU A 32 -3.04 7.02 -2.69
CA LEU A 32 -2.08 8.13 -2.66
C LEU A 32 -2.08 8.90 -1.34
N GLN A 33 -0.97 8.81 -0.59
CA GLN A 33 -0.83 9.60 0.64
C GLN A 33 -0.65 11.08 0.31
N THR A 34 -1.37 11.94 1.03
CA THR A 34 -1.33 13.38 0.74
C THR A 34 -0.90 14.20 1.95
N HIS A 35 -1.06 13.62 3.13
CA HIS A 35 -0.74 14.32 4.39
C HIS A 35 -0.10 13.39 5.40
N THR A 36 0.73 13.98 6.26
CA THR A 36 1.31 13.28 7.41
C THR A 36 1.26 14.20 8.64
N TRP A 37 1.01 13.61 9.80
CA TRP A 37 1.01 14.35 11.03
C TRP A 37 2.31 14.13 11.79
N ASP A 38 3.01 15.21 12.09
CA ASP A 38 4.17 15.14 12.96
C ASP A 38 3.79 15.62 14.36
N SER A 39 3.80 14.70 15.33
CA SER A 39 3.33 15.01 16.69
C SER A 39 4.22 16.01 17.44
N ASN A 40 5.54 15.81 17.37
CA ASN A 40 6.48 16.69 18.06
C ASN A 40 6.44 18.11 17.51
N SER A 41 6.32 18.24 16.18
CA SER A 41 6.04 19.52 15.57
C SER A 41 4.61 19.91 15.88
N SER A 42 3.78 18.90 16.08
CA SER A 42 2.34 19.06 16.28
C SER A 42 1.75 19.77 15.06
N THR A 43 2.28 19.42 13.89
CA THR A 43 1.85 20.06 12.66
C THR A 43 1.45 19.05 11.59
N ILE A 44 0.63 19.51 10.66
CA ILE A 44 0.24 18.73 9.50
C ILE A 44 1.21 18.97 8.36
N VAL A 45 2.00 17.95 8.04
CA VAL A 45 2.89 18.01 6.88
C VAL A 45 2.12 17.76 5.58
N PHE A 46 2.27 18.69 4.64
CA PHE A 46 1.66 18.56 3.31
C PHE A 46 2.66 17.90 2.37
N LEU A 47 2.27 16.77 1.80
CA LEU A 47 3.20 15.96 1.02
C LEU A 47 3.30 16.45 -0.41
N TRP A 48 2.32 17.23 -0.83
CA TRP A 48 2.30 17.83 -2.16
C TRP A 48 1.92 19.29 -2.02
N PRO A 49 2.39 20.15 -2.95
CA PRO A 49 1.95 21.55 -2.95
C PRO A 49 0.41 21.66 -2.89
N TRP A 50 -0.25 20.90 -3.75
CA TRP A 50 -1.70 20.92 -3.80
C TRP A 50 -2.38 20.16 -2.65
N SER A 51 -1.61 19.66 -1.69
CA SER A 51 -2.21 18.96 -0.55
C SER A 51 -3.02 19.95 0.32
N ARG A 52 -2.67 21.22 0.22
CA ARG A 52 -3.39 22.26 0.96
C ARG A 52 -4.82 22.44 0.45
N GLY A 53 -5.14 21.86 -0.70
CA GLY A 53 -6.43 22.06 -1.34
C GLY A 53 -6.77 23.54 -1.55
N ASN A 54 -8.06 23.85 -1.65
CA ASN A 54 -8.46 25.26 -1.80
C ASN A 54 -8.62 25.94 -0.44
N PHE A 55 -7.99 25.37 0.58
CA PHE A 55 -8.07 25.87 1.95
C PHE A 55 -6.92 26.85 2.21
N SER A 56 -7.24 27.93 2.91
CA SER A 56 -6.30 29.01 3.17
C SER A 56 -5.38 28.69 4.32
N ASN A 57 -4.26 29.41 4.38
CA ASN A 57 -3.24 29.23 5.40
C ASN A 57 -3.78 29.27 6.83
N GLU A 58 -4.73 30.18 7.06
CA GLU A 58 -5.34 30.35 8.37
C GLU A 58 -6.30 29.22 8.74
N GLU A 59 -7.07 28.75 7.76
CA GLU A 59 -7.97 27.64 8.01
C GLU A 59 -7.21 26.35 8.30
N TRP A 60 -6.02 26.22 7.73
CA TRP A 60 -5.18 25.06 8.02
C TRP A 60 -4.64 25.13 9.44
N LYS A 61 -4.41 26.35 9.90
CA LYS A 61 -4.02 26.58 11.28
C LYS A 61 -5.12 26.04 12.21
N GLU A 62 -6.37 26.28 11.84
CA GLU A 62 -7.51 25.82 12.63
C GLU A 62 -7.55 24.30 12.73
N LEU A 63 -7.40 23.65 11.58
CA LEU A 63 -7.44 22.19 11.49
C LEU A 63 -6.34 21.54 12.32
N GLU A 64 -5.14 22.14 12.30
CA GLU A 64 -4.01 21.64 13.08
C GLU A 64 -4.31 21.63 14.58
N THR A 65 -4.98 22.67 15.08
CA THR A 65 -5.30 22.72 16.50
C THR A 65 -6.34 21.65 16.85
N LEU A 66 -7.30 21.43 15.97
CA LEU A 66 -8.27 20.36 16.19
C LEU A 66 -7.55 19.01 16.18
N PHE A 67 -6.71 18.81 15.17
CA PHE A 67 -5.92 17.59 15.10
C PHE A 67 -5.05 17.45 16.33
N ARG A 68 -4.50 18.58 16.79
CA ARG A 68 -3.71 18.63 18.01
C ARG A 68 -4.43 17.97 19.17
N ILE A 69 -5.43 18.66 19.70
CA ILE A 69 -6.09 18.20 20.92
C ILE A 69 -6.79 16.87 20.71
N ARG A 70 -7.28 16.59 19.50
CA ARG A 70 -8.04 15.36 19.31
C ARG A 70 -7.16 14.11 19.36
N THR A 71 -6.05 14.11 18.61
CA THR A 71 -5.12 12.99 18.62
C THR A 71 -4.53 12.71 19.99
N ILE A 72 -4.11 13.75 20.68
CA ILE A 72 -3.44 13.55 21.94
C ILE A 72 -4.42 13.10 23.01
N ARG A 73 -5.63 13.66 22.95
CA ARG A 73 -6.71 13.24 23.85
C ARG A 73 -7.04 11.78 23.65
N SER A 74 -7.15 11.38 22.39
CA SER A 74 -7.56 10.03 22.08
C SER A 74 -6.48 9.01 22.39
N PHE A 75 -5.26 9.28 21.93
CA PHE A 75 -4.09 8.46 22.25
C PHE A 75 -3.97 8.22 23.77
N GLU A 76 -3.86 9.30 24.52
CA GLU A 76 -3.80 9.23 25.98
C GLU A 76 -5.12 8.68 26.55
N GLY A 77 -6.23 8.97 25.86
CA GLY A 77 -7.52 8.44 26.26
C GLY A 77 -7.54 6.93 26.28
N ILE A 78 -7.15 6.30 25.17
CA ILE A 78 -7.00 4.86 25.12
C ILE A 78 -6.03 4.42 26.22
N ARG A 79 -4.89 5.10 26.27
CA ARG A 79 -3.79 4.79 27.19
C ARG A 79 -4.28 4.68 28.64
N ARG A 80 -5.34 5.41 28.96
CA ARG A 80 -5.85 5.39 30.31
C ARG A 80 -6.97 4.37 30.52
N TYR A 81 -7.85 4.20 29.53
CA TYR A 81 -9.04 3.38 29.77
C TYR A 81 -8.84 1.86 29.62
N ALA A 82 -7.61 1.44 29.30
CA ALA A 82 -7.31 0.05 28.95
C ALA A 82 -7.84 -1.02 29.93
N HIS A 83 -7.47 -0.92 31.20
CA HIS A 83 -7.85 -1.91 32.21
C HIS A 83 -9.36 -2.13 32.27
N GLU A 84 -10.09 -1.02 32.20
CA GLU A 84 -11.54 -1.03 32.26
C GLU A 84 -12.13 -1.89 31.15
N LEU A 85 -11.68 -1.62 29.93
CA LEU A 85 -12.20 -2.28 28.73
C LEU A 85 -11.56 -3.64 28.46
N GLN A 86 -10.80 -4.15 29.42
CA GLN A 86 -10.12 -5.45 29.30
C GLN A 86 -9.11 -5.45 28.14
N PHE A 87 -8.53 -4.30 27.83
CA PHE A 87 -7.51 -4.24 26.78
C PHE A 87 -6.18 -4.77 27.30
N GLU A 88 -5.73 -5.89 26.77
CA GLU A 88 -4.47 -6.49 27.18
C GLU A 88 -3.33 -6.00 26.28
N TYR A 89 -2.19 -5.72 26.89
CA TYR A 89 -0.98 -5.37 26.16
C TYR A 89 -0.26 -6.64 25.65
N PRO A 90 0.26 -6.59 24.42
CA PRO A 90 0.19 -5.46 23.48
C PRO A 90 -1.12 -5.45 22.70
N PHE A 91 -1.58 -4.28 22.30
CA PHE A 91 -2.72 -4.20 21.40
C PHE A 91 -2.62 -2.99 20.48
N GLU A 92 -3.32 -3.07 19.35
CA GLU A 92 -3.33 -2.01 18.37
C GLU A 92 -4.74 -1.52 18.08
N ILE A 93 -4.86 -0.20 17.96
CA ILE A 93 -6.10 0.42 17.56
C ILE A 93 -5.93 1.07 16.20
N GLN A 94 -6.81 0.75 15.26
CA GLN A 94 -6.74 1.43 13.98
C GLN A 94 -8.09 2.07 13.76
N VAL A 95 -8.05 3.28 13.22
CA VAL A 95 -9.28 3.90 12.76
C VAL A 95 -9.05 4.54 11.39
N THR A 96 -10.13 4.56 10.59
CA THR A 96 -10.13 5.27 9.32
C THR A 96 -11.43 6.02 9.12
N GLY A 97 -11.34 7.23 8.61
CA GLY A 97 -12.55 8.01 8.45
C GLY A 97 -12.39 8.98 7.31
N GLY A 98 -13.48 9.24 6.60
CA GLY A 98 -13.44 10.15 5.48
C GLY A 98 -14.74 10.11 4.72
N CYS A 99 -14.68 10.44 3.44
CA CYS A 99 -15.91 10.56 2.67
C CYS A 99 -15.72 10.19 1.21
N GLU A 100 -16.81 10.06 0.48
CA GLU A 100 -16.78 9.66 -0.93
C GLU A 100 -17.51 10.67 -1.83
N GLY A 108 -21.55 10.86 1.04
CA GLY A 108 -21.32 9.64 1.79
C GLY A 108 -20.08 9.74 2.67
N SER A 109 -20.19 9.34 3.93
CA SER A 109 -19.09 9.42 4.88
C SER A 109 -18.97 8.17 5.73
N PHE A 110 -17.86 8.05 6.46
CA PHE A 110 -17.59 6.86 7.26
C PHE A 110 -16.51 7.13 8.30
N LEU A 111 -16.54 6.34 9.37
CA LEU A 111 -15.55 6.43 10.43
C LEU A 111 -15.62 5.12 11.22
N GLN A 112 -14.53 4.37 11.18
CA GLN A 112 -14.50 3.04 11.72
C GLN A 112 -13.25 2.77 12.53
N LEU A 113 -13.44 2.01 13.60
CA LEU A 113 -12.36 1.68 14.51
C LEU A 113 -12.19 0.17 14.65
N ALA A 114 -10.95 -0.30 14.53
CA ALA A 114 -10.67 -1.70 14.81
C ALA A 114 -9.78 -1.86 16.07
N TYR A 115 -9.97 -2.99 16.74
CA TYR A 115 -9.13 -3.43 17.86
C TYR A 115 -8.51 -4.77 17.48
N GLN A 116 -7.19 -4.88 17.59
CA GLN A 116 -6.49 -6.14 17.28
C GLN A 116 -6.81 -6.63 15.87
N GLY A 117 -6.98 -5.68 14.94
CA GLY A 117 -7.19 -6.00 13.55
C GLY A 117 -8.61 -6.46 13.18
N SER A 118 -9.56 -6.33 14.10
CA SER A 118 -10.96 -6.66 13.79
C SER A 118 -11.91 -5.48 13.99
N ASP A 119 -12.95 -5.43 13.15
CA ASP A 119 -14.08 -4.49 13.33
C ASP A 119 -14.49 -4.42 14.80
N PHE A 120 -14.58 -3.21 15.34
CA PHE A 120 -14.86 -3.09 16.77
C PHE A 120 -16.00 -2.10 17.05
N VAL A 121 -15.81 -0.85 16.67
CA VAL A 121 -16.90 0.12 16.70
C VAL A 121 -16.89 0.99 15.46
N SER A 122 -18.02 1.64 15.18
CA SER A 122 -18.08 2.65 14.12
C SER A 122 -19.00 3.81 14.48
N PHE A 123 -18.78 4.94 13.80
CA PHE A 123 -19.55 6.14 14.06
C PHE A 123 -20.64 6.27 13.02
N GLN A 124 -21.89 6.27 13.49
CA GLN A 124 -23.06 6.31 12.61
C GLN A 124 -23.95 7.45 13.04
N ASN A 125 -24.26 8.35 12.09
CA ASN A 125 -24.98 9.58 12.39
C ASN A 125 -24.24 10.42 13.43
N ASN A 126 -24.58 10.23 14.71
CA ASN A 126 -24.19 11.16 15.76
C ASN A 126 -23.50 10.52 16.96
N SER A 127 -23.28 9.21 16.88
CA SER A 127 -22.76 8.45 18.01
C SER A 127 -21.99 7.20 17.58
N TRP A 128 -21.26 6.63 18.52
CA TRP A 128 -20.48 5.43 18.25
C TRP A 128 -21.33 4.21 18.54
N LEU A 129 -21.37 3.29 17.58
CA LEU A 129 -22.14 2.06 17.74
C LEU A 129 -21.22 0.84 17.68
N PRO A 130 -21.47 -0.14 18.55
CA PRO A 130 -20.61 -1.32 18.57
C PRO A 130 -20.96 -2.30 17.44
N TYR A 131 -19.98 -2.86 16.74
CA TYR A 131 -20.28 -4.00 15.86
C TYR A 131 -20.82 -5.12 16.72
N PRO A 132 -21.94 -5.74 16.32
CA PRO A 132 -22.57 -6.77 17.16
C PRO A 132 -21.64 -7.95 17.48
N VAL A 133 -20.83 -8.38 16.52
CA VAL A 133 -19.97 -9.55 16.73
C VAL A 133 -18.86 -9.22 17.71
N ALA A 134 -18.50 -7.94 17.81
CA ALA A 134 -17.66 -7.45 18.89
C ALA A 134 -18.54 -7.35 20.13
N GLY A 135 -18.17 -8.05 21.19
CA GLY A 135 -19.07 -8.26 22.31
C GLY A 135 -19.42 -7.05 23.14
N ASN A 136 -19.66 -7.26 24.43
CA ASN A 136 -19.97 -6.17 25.33
C ASN A 136 -18.74 -5.28 25.56
N MET A 137 -17.56 -5.79 25.20
CA MET A 137 -16.32 -5.02 25.31
C MET A 137 -16.43 -3.77 24.42
N ALA A 138 -16.96 -3.97 23.21
CA ALA A 138 -17.24 -2.90 22.26
C ALA A 138 -18.34 -1.96 22.74
N LYS A 139 -19.35 -2.52 23.39
CA LYS A 139 -20.47 -1.73 23.89
C LYS A 139 -20.02 -0.78 24.99
N HIS A 140 -19.13 -1.26 25.85
CA HIS A 140 -18.64 -0.44 26.95
C HIS A 140 -17.62 0.59 26.48
N PHE A 141 -16.97 0.32 25.34
CA PHE A 141 -16.10 1.31 24.72
C PHE A 141 -16.97 2.43 24.13
N CYS A 142 -18.15 2.06 23.65
CA CYS A 142 -19.07 3.04 23.09
C CYS A 142 -19.63 3.96 24.16
N LYS A 143 -19.75 3.47 25.39
CA LYS A 143 -20.24 4.32 26.48
C LYS A 143 -19.21 5.41 26.81
N VAL A 144 -17.95 5.00 26.89
CA VAL A 144 -16.83 5.93 27.01
C VAL A 144 -16.78 6.93 25.84
N LEU A 145 -16.87 6.42 24.61
CA LEU A 145 -16.83 7.28 23.42
C LEU A 145 -18.05 8.18 23.28
N ASN A 146 -19.16 7.84 23.94
CA ASN A 146 -20.38 8.61 23.78
C ASN A 146 -20.68 9.46 25.00
N GLN A 147 -19.65 9.81 25.75
CA GLN A 147 -19.84 10.61 26.95
C GLN A 147 -20.27 12.02 26.57
N ASN A 148 -19.35 12.76 25.97
CA ASN A 148 -19.65 14.09 25.49
C ASN A 148 -20.39 14.04 24.17
N GLN A 149 -21.67 14.39 24.19
CA GLN A 149 -22.44 14.41 22.96
C GLN A 149 -21.96 15.52 22.03
N HIS A 150 -21.50 16.63 22.61
CA HIS A 150 -21.05 17.75 21.79
C HIS A 150 -19.85 17.35 20.94
N GLU A 151 -18.94 16.59 21.55
CA GLU A 151 -17.76 16.14 20.85
C GLU A 151 -18.14 15.16 19.75
N ASN A 152 -19.21 14.39 19.96
CA ASN A 152 -19.71 13.52 18.90
C ASN A 152 -20.29 14.37 17.78
N ASP A 153 -20.88 15.50 18.15
CA ASP A 153 -21.46 16.40 17.17
C ASP A 153 -20.38 17.07 16.34
N ILE A 154 -19.23 17.32 16.95
CA ILE A 154 -18.11 17.87 16.21
C ILE A 154 -17.66 16.83 15.18
N THR A 155 -17.61 15.57 15.61
CA THR A 155 -17.18 14.47 14.74
C THR A 155 -18.10 14.36 13.53
N HIS A 156 -19.41 14.39 13.77
CA HIS A 156 -20.38 14.35 12.68
C HIS A 156 -20.08 15.43 11.63
N ASN A 157 -19.90 16.65 12.09
CA ASN A 157 -19.68 17.79 11.19
C ASN A 157 -18.37 17.67 10.42
N LEU A 158 -17.36 17.08 11.05
CA LEU A 158 -16.08 16.85 10.37
C LEU A 158 -16.29 15.99 9.14
N LEU A 159 -17.11 14.95 9.31
CA LEU A 159 -17.36 13.96 8.27
C LEU A 159 -18.36 14.45 7.23
N SER A 160 -19.44 15.09 7.69
CA SER A 160 -20.53 15.47 6.81
C SER A 160 -20.29 16.82 6.14
N ASP A 161 -19.57 17.71 6.80
CA ASP A 161 -19.35 19.06 6.30
C ASP A 161 -17.91 19.26 5.80
N THR A 162 -16.96 19.25 6.74
CA THR A 162 -15.57 19.54 6.44
C THR A 162 -14.94 18.63 5.37
N CYS A 163 -15.15 17.33 5.49
CA CYS A 163 -14.52 16.37 4.57
C CYS A 163 -15.01 16.51 3.11
N PRO A 164 -16.34 16.61 2.88
CA PRO A 164 -16.82 16.93 1.54
C PRO A 164 -16.22 18.21 0.96
N ARG A 165 -16.22 19.30 1.72
CA ARG A 165 -15.61 20.54 1.26
C ARG A 165 -14.16 20.30 0.88
N PHE A 166 -13.42 19.70 1.82
CA PHE A 166 -12.01 19.45 1.59
C PHE A 166 -11.71 18.67 0.32
N ILE A 167 -12.40 17.55 0.12
CA ILE A 167 -12.07 16.67 -1.00
C ILE A 167 -12.31 17.36 -2.35
N LEU A 168 -13.28 18.25 -2.40
CA LEU A 168 -13.55 19.02 -3.62
C LEU A 168 -12.35 19.89 -4.02
N GLY A 169 -11.87 20.71 -3.08
CA GLY A 169 -10.70 21.53 -3.31
C GLY A 169 -9.47 20.71 -3.65
N LEU A 170 -9.25 19.65 -2.88
CA LEU A 170 -8.08 18.81 -3.07
C LEU A 170 -8.03 18.23 -4.49
N LEU A 171 -9.16 17.74 -4.98
CA LEU A 171 -9.19 17.13 -6.32
C LEU A 171 -8.92 18.18 -7.37
N ASP A 172 -9.52 19.34 -7.18
CA ASP A 172 -9.27 20.46 -8.09
C ASP A 172 -7.77 20.79 -8.15
N ALA A 173 -7.20 21.11 -6.98
CA ALA A 173 -5.80 21.50 -6.88
C ALA A 173 -4.85 20.41 -7.35
N GLY A 174 -5.27 19.15 -7.18
CA GLY A 174 -4.44 18.02 -7.56
C GLY A 174 -4.71 17.47 -8.95
N LYS A 175 -5.70 18.02 -9.65
CA LYS A 175 -6.12 17.51 -10.96
C LYS A 175 -4.95 17.30 -11.92
N ALA A 176 -3.96 18.20 -11.85
CA ALA A 176 -2.78 18.11 -12.69
C ALA A 176 -2.07 16.78 -12.51
N HIS A 177 -1.58 16.57 -11.29
CA HIS A 177 -0.87 15.36 -10.91
C HIS A 177 -1.76 14.12 -11.08
N LEU A 178 -3.02 14.26 -10.68
CA LEU A 178 -3.93 13.12 -10.63
C LEU A 178 -4.33 12.59 -11.98
N GLN A 179 -4.34 13.45 -13.00
CA GLN A 179 -4.76 13.01 -14.33
C GLN A 179 -3.62 12.94 -15.36
N ARG A 180 -2.40 12.73 -14.87
CA ARG A 180 -1.25 12.55 -15.74
C ARG A 180 -1.22 11.13 -16.31
N GLN A 181 -0.55 10.96 -17.44
CA GLN A 181 -0.42 9.67 -18.09
C GLN A 181 1.07 9.33 -18.18
N VAL A 182 1.48 8.23 -17.54
CA VAL A 182 2.88 7.81 -17.58
C VAL A 182 2.97 6.45 -18.27
N LYS A 183 3.70 6.40 -19.38
CA LYS A 183 3.79 5.18 -20.20
C LYS A 183 4.53 4.03 -19.50
N PRO A 184 4.04 2.80 -19.66
CA PRO A 184 4.74 1.66 -19.07
C PRO A 184 5.98 1.29 -19.84
N GLU A 185 6.92 0.61 -19.19
CA GLU A 185 7.96 -0.12 -19.90
C GLU A 185 7.79 -1.58 -19.52
N ALA A 186 8.24 -2.49 -20.37
CA ALA A 186 7.99 -3.92 -20.11
C ALA A 186 9.22 -4.74 -20.43
N TRP A 187 9.32 -5.93 -19.85
CA TRP A 187 10.40 -6.81 -20.24
C TRP A 187 10.03 -8.22 -19.91
N LEU A 188 10.81 -9.15 -20.46
CA LEU A 188 10.56 -10.60 -20.38
C LEU A 188 11.65 -11.28 -19.57
N SER A 189 11.31 -12.29 -18.78
CA SER A 189 12.32 -13.16 -18.16
C SER A 189 11.79 -14.57 -17.91
N HIS A 190 12.68 -15.46 -17.46
CA HIS A 190 12.30 -16.81 -17.05
C HIS A 190 11.78 -16.85 -15.63
N GLY A 191 10.65 -17.48 -15.42
CA GLY A 191 10.11 -17.63 -14.08
C GLY A 191 10.80 -18.77 -13.35
N PRO A 192 10.75 -18.73 -12.01
CA PRO A 192 11.62 -19.56 -11.18
C PRO A 192 11.10 -20.96 -10.90
N SER A 193 9.79 -21.18 -10.98
CA SER A 193 9.25 -22.45 -10.48
C SER A 193 8.44 -23.28 -11.49
N PRO A 194 9.00 -23.53 -12.69
CA PRO A 194 8.21 -24.28 -13.65
C PRO A 194 8.13 -25.77 -13.27
N GLY A 195 7.04 -26.45 -13.64
CA GLY A 195 6.93 -27.89 -13.45
C GLY A 195 7.82 -28.60 -14.46
N PRO A 196 8.10 -29.90 -14.26
CA PRO A 196 8.98 -30.64 -15.17
C PRO A 196 8.48 -30.61 -16.62
N GLY A 197 9.41 -30.49 -17.57
CA GLY A 197 9.05 -30.39 -18.97
C GLY A 197 8.49 -29.04 -19.38
N HIS A 198 8.38 -28.13 -18.43
CA HIS A 198 7.71 -26.85 -18.67
C HIS A 198 8.58 -25.65 -18.34
N LEU A 199 8.20 -24.52 -18.94
CA LEU A 199 8.82 -23.23 -18.69
C LEU A 199 7.80 -22.30 -18.10
N GLN A 200 8.29 -21.30 -17.39
CA GLN A 200 7.45 -20.22 -16.90
C GLN A 200 7.93 -18.92 -17.52
N LEU A 201 7.09 -18.35 -18.38
CA LEU A 201 7.45 -17.11 -19.08
C LEU A 201 6.90 -15.96 -18.27
N VAL A 202 7.70 -14.95 -17.99
CA VAL A 202 7.14 -13.84 -17.22
C VAL A 202 7.34 -12.52 -17.92
N CYS A 203 6.24 -11.78 -17.96
CA CYS A 203 6.21 -10.48 -18.61
C CYS A 203 6.02 -9.41 -17.53
N HIS A 204 7.04 -8.56 -17.35
CA HIS A 204 7.02 -7.52 -16.31
C HIS A 204 6.55 -6.21 -16.92
N VAL A 205 5.65 -5.50 -16.25
CA VAL A 205 5.21 -4.19 -16.73
C VAL A 205 5.42 -3.17 -15.60
N SER A 206 6.21 -2.12 -15.82
CA SER A 206 6.46 -1.15 -14.75
C SER A 206 6.38 0.30 -15.23
N GLY A 207 6.32 1.23 -14.28
CA GLY A 207 6.41 2.63 -14.59
C GLY A 207 5.11 3.25 -15.07
N PHE A 208 3.99 2.52 -15.00
CA PHE A 208 2.76 3.08 -15.56
C PHE A 208 1.90 3.78 -14.52
N TYR A 209 1.13 4.75 -14.99
CA TYR A 209 0.16 5.50 -14.18
C TYR A 209 -0.79 6.13 -15.20
N PRO A 210 -2.12 6.11 -14.94
CA PRO A 210 -2.74 5.57 -13.73
C PRO A 210 -2.82 4.04 -13.74
N LYS A 211 -3.53 3.50 -12.75
CA LYS A 211 -3.45 2.06 -12.41
C LYS A 211 -4.00 1.04 -13.41
N PRO A 212 -5.19 1.31 -14.02
CA PRO A 212 -5.81 0.30 -14.90
C PRO A 212 -4.86 -0.08 -16.02
N VAL A 213 -4.67 -1.38 -16.23
CA VAL A 213 -3.75 -1.82 -17.26
C VAL A 213 -4.22 -3.18 -17.76
N TRP A 214 -3.75 -3.53 -18.95
CA TRP A 214 -4.12 -4.79 -19.61
C TRP A 214 -2.85 -5.45 -20.07
N VAL A 215 -2.65 -6.71 -19.68
CA VAL A 215 -1.47 -7.44 -20.14
C VAL A 215 -1.80 -8.92 -20.36
N MET A 216 -1.44 -9.44 -21.54
CA MET A 216 -1.65 -10.85 -21.86
C MET A 216 -0.49 -11.44 -22.64
N TRP A 217 -0.17 -12.70 -22.36
CA TRP A 217 0.59 -13.52 -23.27
C TRP A 217 -0.31 -13.86 -24.46
N MET A 218 0.28 -13.89 -25.66
CA MET A 218 -0.43 -14.11 -26.93
C MET A 218 0.28 -15.11 -27.80
N ARG A 219 -0.50 -15.84 -28.60
CA ARG A 219 0.01 -16.53 -29.79
C ARG A 219 -0.62 -15.83 -31.03
N GLY A 220 0.11 -14.90 -31.64
CA GLY A 220 -0.48 -14.01 -32.62
C GLY A 220 -1.56 -13.11 -32.01
N GLU A 221 -2.76 -13.15 -32.61
CA GLU A 221 -3.94 -12.46 -32.10
C GLU A 221 -4.72 -13.27 -31.04
N GLN A 222 -4.28 -14.48 -30.75
CA GLN A 222 -4.99 -15.34 -29.79
C GLN A 222 -4.49 -15.11 -28.37
N GLU A 223 -5.36 -14.59 -27.49
CA GLU A 223 -4.97 -14.42 -26.08
C GLU A 223 -4.79 -15.80 -25.43
N GLN A 224 -3.68 -15.97 -24.73
CA GLN A 224 -3.38 -17.23 -24.03
C GLN A 224 -3.99 -17.19 -22.64
N GLN A 225 -5.07 -17.94 -22.46
CA GLN A 225 -5.87 -17.84 -21.24
C GLN A 225 -5.18 -18.42 -19.99
N GLY A 226 -3.99 -19.00 -20.16
CA GLY A 226 -3.19 -19.45 -19.04
C GLY A 226 -2.48 -18.29 -18.37
N THR A 227 -2.64 -17.07 -18.92
CA THR A 227 -1.91 -15.90 -18.40
C THR A 227 -2.34 -15.64 -16.96
N GLN A 228 -1.40 -15.76 -16.02
CA GLN A 228 -1.66 -15.43 -14.63
C GLN A 228 -1.10 -14.07 -14.22
N ARG A 229 -2.00 -13.13 -13.96
CA ARG A 229 -1.57 -11.78 -13.61
C ARG A 229 -1.42 -11.65 -12.09
N GLY A 230 -0.27 -11.16 -11.63
CA GLY A 230 -0.05 -10.96 -10.21
C GLY A 230 -0.74 -9.68 -9.72
N ASP A 231 -0.59 -9.36 -8.43
CA ASP A 231 -1.04 -8.08 -7.89
C ASP A 231 -0.34 -6.91 -8.57
N ILE A 232 -1.02 -5.78 -8.64
CA ILE A 232 -0.42 -4.52 -9.06
C ILE A 232 0.31 -3.93 -7.86
N LEU A 233 1.62 -3.72 -7.99
CA LEU A 233 2.49 -3.32 -6.87
C LEU A 233 3.01 -1.90 -7.05
N PRO A 234 3.27 -1.18 -5.93
CA PRO A 234 3.67 0.21 -5.98
C PRO A 234 5.18 0.40 -6.16
N SER A 235 5.56 1.56 -6.67
CA SER A 235 6.96 1.97 -6.72
C SER A 235 7.06 3.28 -5.97
N ALA A 236 8.24 3.63 -5.49
CA ALA A 236 8.35 4.83 -4.66
C ALA A 236 8.06 6.08 -5.47
N ASP A 237 8.19 6.02 -6.80
CA ASP A 237 7.94 7.22 -7.59
C ASP A 237 6.46 7.38 -7.94
N GLY A 238 5.61 6.53 -7.35
CA GLY A 238 4.16 6.70 -7.49
C GLY A 238 3.55 5.94 -8.66
N THR A 239 4.39 5.26 -9.43
CA THR A 239 3.92 4.45 -10.55
C THR A 239 3.67 2.99 -10.07
N TRP A 240 3.19 2.15 -10.97
CA TRP A 240 2.76 0.79 -10.63
C TRP A 240 3.56 -0.25 -11.38
N TYR A 241 3.44 -1.49 -10.91
CA TYR A 241 4.20 -2.63 -11.40
C TYR A 241 3.29 -3.84 -11.41
N LEU A 242 3.47 -4.71 -12.39
CA LEU A 242 2.70 -5.93 -12.48
C LEU A 242 3.53 -7.00 -13.19
N ARG A 243 3.43 -8.25 -12.74
CA ARG A 243 3.96 -9.33 -13.56
C ARG A 243 2.88 -10.34 -13.96
N ALA A 244 2.97 -10.77 -15.22
CA ALA A 244 2.04 -11.75 -15.82
C ALA A 244 2.80 -12.97 -16.28
N THR A 245 2.44 -14.15 -15.78
CA THR A 245 3.21 -15.34 -16.12
C THR A 245 2.40 -16.35 -16.91
N LEU A 246 3.11 -17.13 -17.70
CA LEU A 246 2.48 -18.19 -18.48
C LEU A 246 3.33 -19.46 -18.35
N GLU A 247 2.69 -20.54 -17.94
CA GLU A 247 3.36 -21.82 -17.93
C GLU A 247 3.07 -22.52 -19.25
N VAL A 248 4.11 -23.05 -19.90
CA VAL A 248 3.96 -23.76 -21.17
C VAL A 248 4.94 -24.92 -21.26
N ALA A 249 4.60 -25.92 -22.06
CA ALA A 249 5.54 -26.99 -22.39
C ALA A 249 6.71 -26.36 -23.15
N ALA A 250 7.92 -26.84 -22.91
CA ALA A 250 9.12 -26.17 -23.42
C ALA A 250 9.16 -26.23 -24.93
N GLY A 251 8.62 -27.31 -25.48
CA GLY A 251 8.54 -27.45 -26.92
C GLY A 251 7.34 -26.73 -27.52
N GLU A 252 6.93 -25.63 -26.91
CA GLU A 252 5.73 -24.94 -27.34
C GLU A 252 5.74 -23.45 -27.00
N ALA A 253 6.95 -22.91 -26.82
CA ALA A 253 7.14 -21.54 -26.37
C ALA A 253 7.56 -20.62 -27.51
N ALA A 254 7.72 -21.20 -28.69
CA ALA A 254 7.96 -20.43 -29.90
C ALA A 254 6.73 -19.61 -30.27
N ASP A 255 6.98 -18.42 -30.81
CA ASP A 255 5.93 -17.53 -31.34
C ASP A 255 5.02 -16.94 -30.25
N LEU A 256 5.47 -16.99 -29.00
CA LEU A 256 4.70 -16.34 -27.95
C LEU A 256 5.18 -14.92 -27.81
N SER A 257 4.25 -14.02 -27.52
CA SER A 257 4.55 -12.63 -27.22
C SER A 257 3.74 -12.13 -26.02
N CYS A 258 4.25 -11.10 -25.38
CA CYS A 258 3.52 -10.40 -24.33
C CYS A 258 3.03 -9.04 -24.84
N ARG A 259 1.73 -8.79 -24.70
CA ARG A 259 1.10 -7.57 -25.19
C ARG A 259 0.56 -6.72 -24.04
N VAL A 260 0.92 -5.43 -24.04
CA VAL A 260 0.49 -4.53 -22.98
C VAL A 260 -0.36 -3.39 -23.58
N LYS A 261 -1.54 -3.17 -23.01
CA LYS A 261 -2.36 -2.01 -23.38
C LYS A 261 -2.53 -1.08 -22.19
N HIS A 262 -2.46 0.22 -22.42
CA HIS A 262 -2.59 1.21 -21.35
C HIS A 262 -3.04 2.55 -21.90
N SER A 263 -3.89 3.24 -21.13
CA SER A 263 -4.41 4.55 -21.51
C SER A 263 -3.33 5.51 -22.01
N SER A 264 -2.13 5.42 -21.46
CA SER A 264 -1.08 6.37 -21.82
C SER A 264 -0.49 6.14 -23.21
N LEU A 265 -0.78 4.98 -23.82
CA LEU A 265 -0.17 4.60 -25.09
C LEU A 265 -1.01 4.97 -26.30
N GLU A 266 -2.26 5.38 -26.06
CA GLU A 266 -3.18 5.79 -27.11
C GLU A 266 -3.22 4.83 -28.30
N GLY A 267 -3.44 3.55 -28.01
CA GLY A 267 -3.67 2.57 -29.06
C GLY A 267 -2.43 1.79 -29.47
N GLN A 268 -1.26 2.29 -29.11
CA GLN A 268 -0.02 1.69 -29.57
C GLN A 268 0.52 0.73 -28.53
N ASP A 269 0.04 -0.51 -28.54
CA ASP A 269 0.42 -1.50 -27.53
C ASP A 269 1.93 -1.74 -27.48
N ILE A 270 2.46 -2.02 -26.30
CA ILE A 270 3.80 -2.58 -26.20
C ILE A 270 3.70 -4.06 -26.52
N VAL A 271 4.57 -4.57 -27.38
CA VAL A 271 4.55 -5.99 -27.72
C VAL A 271 5.98 -6.52 -27.66
N LEU A 272 6.20 -7.51 -26.80
CA LEU A 272 7.52 -8.12 -26.68
C LEU A 272 7.45 -9.60 -27.11
N TYR A 273 8.54 -10.11 -27.68
CA TYR A 273 8.56 -11.48 -28.21
C TYR A 273 9.52 -12.41 -27.47
N TRP A 274 9.06 -13.62 -27.14
CA TRP A 274 9.91 -14.61 -26.50
C TRP A 274 10.91 -15.12 -27.53
N GLU A 275 12.15 -14.67 -27.42
CA GLU A 275 13.14 -14.85 -28.50
C GLU A 275 14.57 -14.54 -28.06
N GLY A 276 15.52 -14.77 -28.96
CA GLY A 276 16.90 -14.52 -28.66
C GLY A 276 17.45 -15.55 -27.69
N SER A 277 18.17 -15.08 -26.67
CA SER A 277 18.77 -15.97 -25.67
C SER A 277 17.71 -16.60 -24.78
N LEU A 278 16.53 -16.00 -24.74
CA LEU A 278 15.40 -16.56 -24.01
C LEU A 278 14.98 -17.96 -24.50
N VAL A 279 15.06 -18.17 -25.82
CA VAL A 279 14.51 -19.37 -26.42
C VAL A 279 15.22 -20.67 -26.01
N PRO A 280 16.56 -20.79 -26.18
CA PRO A 280 17.63 -19.92 -26.70
C PRO A 280 17.87 -20.11 -28.22
N ARG A 281 18.37 -19.06 -28.87
CA ARG A 281 18.87 -19.04 -30.27
C ARG A 281 17.80 -18.71 -31.32
N ILE B 1 -6.36 -12.23 16.24
CA ILE B 1 -6.12 -12.83 14.91
C ILE B 1 -4.83 -12.30 14.26
N GLN B 2 -3.83 -13.18 14.17
CA GLN B 2 -2.56 -12.84 13.55
C GLN B 2 -2.52 -13.20 12.08
N ARG B 3 -1.91 -12.34 11.27
CA ARG B 3 -1.84 -12.55 9.82
C ARG B 3 -0.40 -12.43 9.33
N THR B 4 0.04 -13.46 8.64
CA THR B 4 1.43 -13.53 8.17
C THR B 4 1.64 -12.68 6.90
N PRO B 5 2.83 -12.07 6.76
CA PRO B 5 3.00 -11.17 5.61
C PRO B 5 3.16 -11.87 4.28
N LYS B 6 2.55 -11.31 3.24
CA LYS B 6 2.92 -11.64 1.86
C LYS B 6 4.15 -10.80 1.49
N ILE B 7 5.09 -11.40 0.76
CA ILE B 7 6.36 -10.72 0.47
C ILE B 7 6.65 -10.83 -1.03
N GLN B 8 6.73 -9.70 -1.72
CA GLN B 8 6.97 -9.70 -3.17
C GLN B 8 8.15 -8.79 -3.52
N VAL B 9 9.05 -9.28 -4.36
CA VAL B 9 10.33 -8.63 -4.68
C VAL B 9 10.38 -8.35 -6.17
N TYR B 10 10.75 -7.12 -6.52
CA TYR B 10 10.76 -6.72 -7.92
C TYR B 10 11.67 -5.54 -8.12
N SER B 11 12.11 -5.35 -9.37
CA SER B 11 12.94 -4.22 -9.72
C SER B 11 12.07 -3.22 -10.48
N ARG B 12 12.47 -1.95 -10.41
CA ARG B 12 11.80 -0.84 -11.10
C ARG B 12 11.99 -0.94 -12.62
N HIS B 13 13.18 -1.35 -13.04
CA HIS B 13 13.52 -1.41 -14.47
C HIS B 13 14.05 -2.81 -14.75
N PRO B 14 14.09 -3.22 -16.03
CA PRO B 14 14.80 -4.48 -16.33
C PRO B 14 16.21 -4.49 -15.75
N ALA B 15 16.69 -5.65 -15.34
CA ALA B 15 18.06 -5.77 -14.85
C ALA B 15 19.01 -5.59 -16.00
N GLU B 16 19.93 -4.66 -15.86
CA GLU B 16 21.03 -4.50 -16.81
C GLU B 16 22.27 -4.24 -15.97
N ASN B 17 23.28 -5.11 -16.11
CA ASN B 17 24.45 -5.01 -15.28
C ASN B 17 25.17 -3.67 -15.44
N GLY B 18 25.56 -3.10 -14.31
CA GLY B 18 26.27 -1.84 -14.31
C GLY B 18 25.36 -0.65 -14.55
N LYS B 19 24.04 -0.87 -14.50
CA LYS B 19 23.10 0.24 -14.62
C LYS B 19 22.24 0.42 -13.35
N SER B 20 22.20 1.66 -12.88
CA SER B 20 21.46 2.05 -11.69
C SER B 20 19.96 1.67 -11.80
N ASN B 21 19.36 1.20 -10.70
CA ASN B 21 18.00 0.61 -10.72
C ASN B 21 17.43 0.78 -9.30
N PHE B 22 16.20 0.33 -9.07
CA PHE B 22 15.63 0.30 -7.72
C PHE B 22 15.13 -1.09 -7.42
N LEU B 23 15.44 -1.56 -6.21
CA LEU B 23 15.02 -2.88 -5.74
C LEU B 23 13.88 -2.68 -4.75
N ASN B 24 12.77 -3.38 -4.95
CA ASN B 24 11.58 -3.21 -4.11
C ASN B 24 11.18 -4.48 -3.36
N CYS B 25 10.75 -4.30 -2.12
CA CYS B 25 10.17 -5.42 -1.37
C CYS B 25 8.87 -4.92 -0.77
N TYR B 26 7.78 -5.43 -1.31
CA TYR B 26 6.44 -5.04 -0.88
C TYR B 26 5.96 -6.12 0.08
N VAL B 27 5.75 -5.71 1.32
CA VAL B 27 5.30 -6.60 2.38
C VAL B 27 3.88 -6.19 2.78
N SER B 28 2.96 -7.15 2.74
CA SER B 28 1.55 -6.78 2.91
C SER B 28 0.73 -7.86 3.61
N GLY B 29 -0.50 -7.52 3.98
CA GLY B 29 -1.45 -8.47 4.54
C GLY B 29 -1.08 -8.98 5.92
N PHE B 30 -0.24 -8.24 6.67
CA PHE B 30 0.13 -8.71 8.00
C PHE B 30 -0.51 -7.95 9.17
N HIS B 31 -0.57 -8.64 10.31
CA HIS B 31 -1.06 -8.12 11.58
C HIS B 31 -0.44 -8.96 12.70
N PRO B 32 0.07 -8.33 13.79
CA PRO B 32 0.20 -6.92 14.13
C PRO B 32 1.23 -6.22 13.26
N SER B 33 1.38 -4.90 13.41
CA SER B 33 2.22 -4.08 12.52
C SER B 33 3.71 -4.16 12.80
N ASP B 34 4.06 -4.65 14.00
CA ASP B 34 5.42 -4.84 14.38
C ASP B 34 6.11 -5.79 13.41
N ILE B 35 7.04 -5.27 12.61
CA ILE B 35 7.70 -6.08 11.60
C ILE B 35 9.15 -5.62 11.40
N GLU B 36 9.99 -6.55 10.96
CA GLU B 36 11.38 -6.24 10.63
C GLU B 36 11.69 -6.72 9.23
N VAL B 37 12.13 -5.78 8.38
CA VAL B 37 12.39 -6.05 6.98
C VAL B 37 13.77 -5.53 6.57
N ASP B 38 14.55 -6.40 5.95
CA ASP B 38 15.90 -6.09 5.46
C ASP B 38 16.02 -6.42 3.98
N LEU B 39 16.71 -5.57 3.22
CA LEU B 39 17.13 -5.94 1.87
C LEU B 39 18.54 -6.46 1.96
N LEU B 40 18.78 -7.60 1.31
CA LEU B 40 20.05 -8.29 1.40
C LEU B 40 20.78 -8.31 0.07
N LYS B 41 22.08 -8.02 0.12
CA LYS B 41 22.96 -8.16 -1.03
C LYS B 41 24.00 -9.21 -0.71
N ASN B 42 24.00 -10.29 -1.49
CA ASN B 42 24.89 -11.41 -1.21
C ASN B 42 24.79 -11.82 0.25
N GLY B 43 23.56 -11.98 0.74
CA GLY B 43 23.35 -12.40 2.11
C GLY B 43 23.67 -11.35 3.16
N GLU B 44 24.23 -10.22 2.75
CA GLU B 44 24.55 -9.14 3.69
C GLU B 44 23.51 -8.03 3.63
N ARG B 45 23.16 -7.51 4.81
CA ARG B 45 22.22 -6.41 4.97
C ARG B 45 22.67 -5.13 4.23
N ILE B 46 21.75 -4.56 3.43
CA ILE B 46 21.99 -3.30 2.74
C ILE B 46 21.65 -2.15 3.66
N GLU B 47 22.61 -1.25 3.82
CA GLU B 47 22.55 -0.20 4.83
C GLU B 47 21.47 0.83 4.57
N LYS B 48 21.44 1.41 3.37
CA LYS B 48 20.48 2.48 3.14
C LYS B 48 19.24 2.01 2.40
N VAL B 49 18.21 1.73 3.19
CA VAL B 49 16.94 1.27 2.66
C VAL B 49 15.86 2.22 3.14
N GLU B 50 14.98 2.65 2.25
CA GLU B 50 13.90 3.55 2.63
C GLU B 50 12.61 2.74 2.70
N HIS B 51 11.63 3.22 3.45
CA HIS B 51 10.30 2.63 3.36
C HIS B 51 9.16 3.66 3.38
N SER B 52 8.01 3.28 2.82
CA SER B 52 6.81 4.10 2.89
C SER B 52 6.28 4.21 4.32
N ASP B 53 5.46 5.23 4.58
CA ASP B 53 4.69 5.29 5.82
C ASP B 53 3.80 4.07 5.98
N LEU B 54 3.77 3.52 7.19
CA LEU B 54 2.88 2.41 7.52
C LEU B 54 1.45 2.74 7.19
N SER B 55 0.75 1.81 6.53
CA SER B 55 -0.67 2.00 6.20
C SER B 55 -1.38 0.66 6.33
N PHE B 56 -2.69 0.65 6.16
CA PHE B 56 -3.41 -0.61 6.15
C PHE B 56 -4.53 -0.64 5.12
N SER B 57 -4.90 -1.87 4.73
CA SER B 57 -5.98 -2.13 3.77
C SER B 57 -7.36 -2.11 4.41
N LYS B 58 -8.39 -2.30 3.57
CA LYS B 58 -9.77 -2.34 4.06
C LYS B 58 -9.95 -3.39 5.15
N ASP B 59 -9.28 -4.54 5.01
CA ASP B 59 -9.44 -5.63 5.98
C ASP B 59 -8.58 -5.42 7.23
N TRP B 60 -8.00 -4.22 7.36
CA TRP B 60 -7.19 -3.78 8.52
C TRP B 60 -5.78 -4.37 8.57
N SER B 61 -5.43 -5.25 7.64
CA SER B 61 -4.06 -5.76 7.57
C SER B 61 -3.12 -4.66 7.04
N PHE B 62 -1.89 -4.65 7.57
CA PHE B 62 -0.89 -3.60 7.27
C PHE B 62 -0.09 -3.90 6.01
N TYR B 63 0.52 -2.88 5.43
CA TYR B 63 1.37 -3.07 4.26
C TYR B 63 2.39 -1.94 4.23
N LEU B 64 3.58 -2.27 3.71
CA LEU B 64 4.72 -1.35 3.63
C LEU B 64 5.50 -1.67 2.36
N LEU B 65 6.07 -0.63 1.74
CA LEU B 65 7.05 -0.78 0.65
C LEU B 65 8.44 -0.44 1.15
N TYR B 66 9.38 -1.38 1.00
CA TYR B 66 10.82 -1.12 1.22
C TYR B 66 11.57 -1.04 -0.11
N TYR B 67 12.48 -0.08 -0.24
CA TYR B 67 13.22 0.03 -1.49
C TYR B 67 14.60 0.65 -1.28
N THR B 68 15.46 0.46 -2.27
CA THR B 68 16.78 1.06 -2.30
C THR B 68 17.28 1.17 -3.73
N GLU B 69 18.05 2.22 -3.98
CA GLU B 69 18.69 2.38 -5.27
C GLU B 69 19.89 1.41 -5.29
N PHE B 70 20.15 0.76 -6.43
CA PHE B 70 21.25 -0.19 -6.48
C PHE B 70 21.71 -0.35 -7.92
N THR B 71 22.94 -0.84 -8.09
CA THR B 71 23.45 -1.20 -9.40
C THR B 71 23.86 -2.67 -9.43
N PRO B 72 23.09 -3.50 -10.14
CA PRO B 72 23.39 -4.93 -10.20
C PRO B 72 24.68 -5.23 -10.98
N THR B 73 25.36 -6.29 -10.55
CA THR B 73 26.52 -6.87 -11.21
C THR B 73 26.18 -8.34 -11.48
N GLU B 74 26.85 -8.97 -12.45
CA GLU B 74 26.76 -10.43 -12.66
C GLU B 74 26.87 -11.27 -11.38
N LYS B 75 27.73 -10.85 -10.45
CA LYS B 75 28.05 -11.66 -9.28
C LYS B 75 26.97 -11.63 -8.20
N ASP B 76 26.23 -10.53 -8.13
CA ASP B 76 25.40 -10.24 -6.96
C ASP B 76 24.03 -10.89 -6.98
N GLU B 77 23.60 -11.37 -5.82
CA GLU B 77 22.24 -11.85 -5.60
C GLU B 77 21.58 -10.93 -4.58
N TYR B 78 20.31 -10.61 -4.80
CA TYR B 78 19.58 -9.75 -3.87
C TYR B 78 18.36 -10.47 -3.34
N ALA B 79 17.97 -10.15 -2.11
CA ALA B 79 16.78 -10.74 -1.53
C ALA B 79 16.17 -9.79 -0.52
N CYS B 80 14.98 -10.16 -0.07
CA CYS B 80 14.26 -9.48 1.00
C CYS B 80 14.09 -10.44 2.18
N ARG B 81 14.49 -10.03 3.38
CA ARG B 81 14.36 -10.88 4.57
C ARG B 81 13.36 -10.30 5.57
N VAL B 82 12.36 -11.09 5.96
CA VAL B 82 11.28 -10.58 6.79
C VAL B 82 11.14 -11.38 8.07
N ASN B 83 10.98 -10.70 9.20
CA ASN B 83 10.67 -11.37 10.46
C ASN B 83 9.42 -10.73 11.07
N HIS B 84 8.58 -11.59 11.66
CA HIS B 84 7.25 -11.18 12.12
C HIS B 84 6.81 -12.23 13.14
N VAL B 85 5.94 -11.86 14.09
CA VAL B 85 5.56 -12.80 15.15
C VAL B 85 4.94 -14.08 14.57
N THR B 86 4.29 -13.97 13.40
CA THR B 86 3.74 -15.16 12.75
C THR B 86 4.78 -16.13 12.16
N LEU B 87 6.04 -15.76 12.17
CA LEU B 87 7.09 -16.56 11.51
C LEU B 87 8.04 -17.23 12.49
N SER B 88 8.12 -18.56 12.45
CA SER B 88 9.02 -19.30 13.32
C SER B 88 10.48 -19.03 12.95
N GLN B 89 10.69 -18.45 11.76
CA GLN B 89 12.02 -18.04 11.33
C GLN B 89 11.92 -16.98 10.22
N PRO B 90 12.94 -16.13 10.10
CA PRO B 90 12.95 -15.08 9.08
C PRO B 90 12.71 -15.68 7.70
N LYS B 91 11.77 -15.11 6.97
CA LYS B 91 11.42 -15.61 5.66
C LYS B 91 12.17 -14.81 4.63
N ILE B 92 12.78 -15.51 3.67
CA ILE B 92 13.64 -14.86 2.67
C ILE B 92 13.11 -15.04 1.27
N VAL B 93 12.89 -13.93 0.58
CA VAL B 93 12.44 -13.99 -0.80
C VAL B 93 13.46 -13.34 -1.75
N LYS B 94 13.96 -14.12 -2.69
CA LYS B 94 14.98 -13.67 -3.65
C LYS B 94 14.39 -12.77 -4.73
N TRP B 95 15.23 -11.87 -5.22
CA TRP B 95 14.97 -11.18 -6.48
C TRP B 95 15.36 -12.11 -7.63
N ASP B 96 14.37 -12.65 -8.34
CA ASP B 96 14.60 -13.48 -9.53
C ASP B 96 14.90 -12.62 -10.74
N ARG B 97 16.09 -12.77 -11.29
CA ARG B 97 16.36 -12.17 -12.58
C ARG B 97 17.07 -13.21 -13.43
N ASP B 98 17.07 -13.01 -14.74
CA ASP B 98 17.84 -13.84 -15.66
C ASP B 98 19.29 -13.34 -15.69
N MET B 99 20.24 -14.24 -15.51
CA MET B 99 21.65 -13.88 -15.61
C MET B 99 22.37 -14.83 -16.55
#